data_5W0Q
#
_entry.id   5W0Q
#
_cell.length_a   49.119
_cell.length_b   55.862
_cell.length_c   107.298
_cell.angle_alpha   90.000
_cell.angle_beta   90.000
_cell.angle_gamma   90.000
#
_symmetry.space_group_name_H-M   'I 2 2 2'
#
loop_
_entity.id
_entity.type
_entity.pdbx_description
1 polymer 'CREB-binding protein'
2 non-polymer 'SULFATE ION'
3 non-polymer (2R)-N,2,7-trimethyl-2,3-dihydro-4H-1,4-benzoxazine-4-carboxamide
4 water water
#
_entity_poly.entity_id   1
_entity_poly.type   'polypeptide(L)'
_entity_poly.pdbx_seq_one_letter_code
;MHHHHHHGSLVPRGSMDYKDDDDKENLYFQGSKKIFKPEELRQALMPTLEALYRQDPESLPFRQPVDPQLLGIPDYFDIV
KNPMDLSTIKRKLDTGQYQEPWQYVDDVWLMFNNAWLYNRKTSRVYKFCSKLAEVFEQEIDPVMQSLG
;
_entity_poly.pdbx_strand_id   A
#
loop_
_chem_comp.id
_chem_comp.type
_chem_comp.name
_chem_comp.formula
9UG non-polymer (2R)-N,2,7-trimethyl-2,3-dihydro-4H-1,4-benzoxazine-4-carboxamide 'C12 H16 N2 O2'
SO4 non-polymer 'SULFATE ION' 'O4 S -2'
#
# COMPACT_ATOMS: atom_id res chain seq x y z
N LYS A 33 11.57 -11.32 -17.77
CA LYS A 33 12.08 -12.28 -16.80
C LYS A 33 13.41 -11.82 -16.24
N LYS A 34 13.48 -11.66 -14.92
CA LYS A 34 14.68 -11.13 -14.29
C LYS A 34 14.71 -11.54 -12.83
N ILE A 35 15.91 -11.83 -12.35
CA ILE A 35 16.15 -12.05 -10.91
C ILE A 35 16.55 -10.71 -10.31
N PHE A 36 15.81 -10.27 -9.30
CA PHE A 36 16.04 -8.98 -8.66
C PHE A 36 16.66 -9.19 -7.28
N LYS A 37 17.69 -8.41 -6.98
CA LYS A 37 18.24 -8.42 -5.64
C LYS A 37 17.32 -7.66 -4.68
N PRO A 38 17.09 -8.19 -3.48
CA PRO A 38 16.20 -7.48 -2.54
C PRO A 38 16.65 -6.07 -2.22
N GLU A 39 17.97 -5.82 -2.17
CA GLU A 39 18.46 -4.48 -1.91
C GLU A 39 18.17 -3.54 -3.07
N GLU A 40 18.23 -4.05 -4.30
CA GLU A 40 17.88 -3.24 -5.46
C GLU A 40 16.42 -2.82 -5.42
N LEU A 41 15.52 -3.75 -5.07
CA LEU A 41 14.11 -3.42 -4.97
C LEU A 41 13.85 -2.44 -3.85
N ARG A 42 14.56 -2.58 -2.73
CA ARG A 42 14.37 -1.66 -1.60
C ARG A 42 14.76 -0.24 -1.99
N GLN A 43 15.97 -0.06 -2.52
CA GLN A 43 16.45 1.28 -2.84
C GLN A 43 15.57 1.96 -3.88
N ALA A 44 14.96 1.19 -4.78
CA ALA A 44 14.13 1.76 -5.84
C ALA A 44 12.70 2.00 -5.40
N LEU A 45 12.12 1.07 -4.61
CA LEU A 45 10.70 1.11 -4.32
C LEU A 45 10.36 1.76 -2.98
N MET A 46 11.26 1.70 -1.99
CA MET A 46 10.98 2.31 -0.70
C MET A 46 10.70 3.81 -0.78
N PRO A 47 11.36 4.60 -1.63
CA PRO A 47 10.98 6.02 -1.74
C PRO A 47 9.52 6.23 -2.13
N THR A 48 8.96 5.36 -2.98
CA THR A 48 7.57 5.51 -3.35
C THR A 48 6.64 5.17 -2.18
N LEU A 49 7.07 4.28 -1.29
CA LEU A 49 6.28 3.98 -0.11
C LEU A 49 6.39 5.10 0.92
N GLU A 50 7.57 5.70 1.05
CA GLU A 50 7.76 6.81 1.98
C GLU A 50 6.96 8.03 1.55
N ALA A 51 6.75 8.22 0.25
CA ALA A 51 5.90 9.31 -0.21
C ALA A 51 4.48 9.16 0.30
N LEU A 52 4.04 7.92 0.53
CA LEU A 52 2.72 7.69 1.11
C LEU A 52 2.72 7.99 2.61
N TYR A 53 3.77 7.54 3.32
CA TYR A 53 3.88 7.83 4.75
C TYR A 53 3.88 9.32 5.03
N ARG A 54 4.49 10.12 4.15
CA ARG A 54 4.62 11.55 4.39
C ARG A 54 3.29 12.30 4.29
N GLN A 55 2.24 11.67 3.79
CA GLN A 55 0.92 12.30 3.73
C GLN A 55 0.30 12.24 5.12
N ASP A 56 0.18 13.40 5.76
CA ASP A 56 -0.37 13.52 7.10
C ASP A 56 -1.56 14.47 7.05
N PRO A 57 -2.76 14.06 7.50
CA PRO A 57 -3.09 12.80 8.17
C PRO A 57 -3.59 11.68 7.26
N GLU A 58 -3.44 11.82 5.95
CA GLU A 58 -4.05 10.86 5.02
C GLU A 58 -3.53 9.44 5.24
N SER A 59 -2.27 9.29 5.65
CA SER A 59 -1.69 7.95 5.77
C SER A 59 -2.02 7.28 7.09
N LEU A 60 -2.51 8.03 8.09
CA LEU A 60 -2.66 7.47 9.43
C LEU A 60 -3.53 6.23 9.48
N PRO A 61 -4.72 6.18 8.86
CA PRO A 61 -5.51 4.94 8.88
C PRO A 61 -4.93 3.81 8.06
N PHE A 62 -3.81 4.02 7.37
CA PHE A 62 -3.19 2.99 6.55
C PHE A 62 -1.86 2.48 7.12
N ARG A 63 -1.38 3.06 8.22
CA ARG A 63 -0.03 2.74 8.69
C ARG A 63 0.04 1.39 9.38
N GLN A 64 -1.05 0.93 9.97
CA GLN A 64 -1.10 -0.34 10.68
C GLN A 64 -2.26 -1.17 10.13
N PRO A 65 -2.22 -2.49 10.31
CA PRO A 65 -3.34 -3.32 9.85
C PRO A 65 -4.64 -2.92 10.52
N VAL A 66 -5.72 -2.96 9.74
CA VAL A 66 -7.04 -2.69 10.29
C VAL A 66 -7.36 -3.73 11.36
N ASP A 67 -7.77 -3.26 12.54
CA ASP A 67 -8.15 -4.10 13.67
C ASP A 67 -9.66 -4.00 13.86
N PRO A 68 -10.45 -4.89 13.27
CA PRO A 68 -11.91 -4.75 13.36
C PRO A 68 -12.47 -4.84 14.77
N GLN A 69 -11.86 -5.65 15.64
CA GLN A 69 -12.36 -5.74 17.02
C GLN A 69 -12.17 -4.43 17.76
N LEU A 70 -10.97 -3.84 17.66
CA LEU A 70 -10.72 -2.56 18.31
C LEU A 70 -11.61 -1.46 17.74
N LEU A 71 -11.74 -1.41 16.41
CA LEU A 71 -12.50 -0.35 15.75
C LEU A 71 -14.01 -0.60 15.76
N GLY A 72 -14.47 -1.78 16.16
CA GLY A 72 -15.89 -2.05 16.20
C GLY A 72 -16.52 -2.21 14.82
N ILE A 73 -15.82 -2.84 13.89
CA ILE A 73 -16.32 -3.04 12.54
C ILE A 73 -16.25 -4.53 12.20
N PRO A 74 -17.12 -5.36 12.78
CA PRO A 74 -16.99 -6.81 12.60
C PRO A 74 -17.26 -7.31 11.18
N ASP A 75 -17.74 -6.46 10.29
CA ASP A 75 -17.96 -6.86 8.90
C ASP A 75 -16.75 -6.61 8.02
N TYR A 76 -15.65 -6.10 8.57
CA TYR A 76 -14.50 -5.76 7.74
C TYR A 76 -13.93 -6.99 7.05
N PHE A 77 -13.63 -8.04 7.82
CA PHE A 77 -13.10 -9.26 7.22
C PHE A 77 -14.15 -10.03 6.42
N ASP A 78 -15.44 -9.69 6.57
CA ASP A 78 -16.45 -10.22 5.65
C ASP A 78 -16.26 -9.63 4.26
N ILE A 79 -15.86 -8.36 4.18
CA ILE A 79 -15.77 -7.65 2.91
C ILE A 79 -14.37 -7.73 2.33
N VAL A 80 -13.36 -7.55 3.17
CA VAL A 80 -11.96 -7.49 2.74
C VAL A 80 -11.36 -8.89 2.93
N LYS A 81 -11.11 -9.58 1.81
CA LYS A 81 -10.63 -10.95 1.89
C LYS A 81 -9.15 -11.02 2.23
N ASN A 82 -8.35 -10.08 1.72
CA ASN A 82 -6.91 -10.08 1.87
C ASN A 82 -6.45 -8.70 2.30
N PRO A 83 -6.38 -8.44 3.60
CA PRO A 83 -6.01 -7.10 4.06
C PRO A 83 -4.56 -6.76 3.75
N MET A 84 -4.28 -5.46 3.67
CA MET A 84 -2.94 -4.97 3.38
C MET A 84 -2.82 -3.56 3.92
N ASP A 85 -1.62 -3.20 4.38
CA ASP A 85 -1.36 -1.88 4.93
C ASP A 85 0.11 -1.52 4.69
N LEU A 86 0.46 -0.29 5.08
CA LEU A 86 1.80 0.22 4.81
C LEU A 86 2.86 -0.55 5.59
N SER A 87 2.59 -0.88 6.85
CA SER A 87 3.60 -1.56 7.66
C SER A 87 3.90 -2.95 7.13
N THR A 88 2.90 -3.63 6.57
CA THR A 88 3.13 -4.96 5.99
C THR A 88 3.96 -4.84 4.71
N ILE A 89 3.64 -3.86 3.86
CA ILE A 89 4.40 -3.66 2.64
C ILE A 89 5.85 -3.30 2.96
N LYS A 90 6.05 -2.41 3.93
CA LYS A 90 7.40 -2.00 4.30
C LYS A 90 8.21 -3.18 4.81
N ARG A 91 7.60 -4.04 5.64
CA ARG A 91 8.32 -5.19 6.16
C ARG A 91 8.68 -6.17 5.06
N LYS A 92 7.82 -6.32 4.05
CA LYS A 92 8.12 -7.22 2.95
C LYS A 92 9.29 -6.70 2.12
N LEU A 93 9.39 -5.38 1.97
CA LEU A 93 10.59 -4.82 1.35
C LEU A 93 11.82 -5.03 2.23
N ASP A 94 11.68 -4.82 3.54
CA ASP A 94 12.82 -4.91 4.44
C ASP A 94 13.35 -6.35 4.54
N THR A 95 12.48 -7.34 4.35
CA THR A 95 12.87 -8.74 4.50
C THR A 95 13.09 -9.44 3.15
N GLY A 96 12.96 -8.71 2.04
CA GLY A 96 13.22 -9.30 0.74
C GLY A 96 12.19 -10.29 0.25
N GLN A 97 10.93 -10.11 0.60
CA GLN A 97 9.88 -11.05 0.26
C GLN A 97 9.19 -10.74 -1.07
N TYR A 98 9.62 -9.69 -1.77
CA TYR A 98 9.18 -9.42 -3.13
C TYR A 98 10.24 -9.94 -4.10
N GLN A 99 9.84 -10.80 -5.02
CA GLN A 99 10.78 -11.25 -6.04
C GLN A 99 10.88 -10.26 -7.19
N GLU A 100 9.80 -9.58 -7.53
CA GLU A 100 9.73 -8.72 -8.70
C GLU A 100 8.95 -7.47 -8.35
N PRO A 101 9.21 -6.36 -9.06
CA PRO A 101 8.56 -5.09 -8.68
C PRO A 101 7.04 -5.10 -8.77
N TRP A 102 6.45 -5.86 -9.70
CA TRP A 102 5.00 -5.86 -9.83
C TRP A 102 4.31 -6.46 -8.62
N GLN A 103 5.01 -7.30 -7.85
CA GLN A 103 4.43 -7.83 -6.62
C GLN A 103 4.26 -6.73 -5.58
N TYR A 104 5.22 -5.79 -5.52
CA TYR A 104 5.08 -4.64 -4.63
C TYR A 104 3.93 -3.76 -5.06
N VAL A 105 3.83 -3.49 -6.36
CA VAL A 105 2.76 -2.64 -6.88
C VAL A 105 1.40 -3.27 -6.59
N ASP A 106 1.29 -4.59 -6.76
CA ASP A 106 0.02 -5.27 -6.52
C ASP A 106 -0.41 -5.15 -5.06
N ASP A 107 0.56 -5.11 -4.13
CA ASP A 107 0.20 -4.97 -2.72
C ASP A 107 -0.27 -3.57 -2.40
N VAL A 108 0.35 -2.55 -3.00
CA VAL A 108 -0.12 -1.18 -2.81
C VAL A 108 -1.52 -1.01 -3.37
N TRP A 109 -1.76 -1.55 -4.57
CA TRP A 109 -3.10 -1.50 -5.16
C TRP A 109 -4.11 -2.28 -4.33
N LEU A 110 -3.68 -3.40 -3.73
CA LEU A 110 -4.57 -4.17 -2.87
C LEU A 110 -4.99 -3.34 -1.65
N MET A 111 -4.03 -2.63 -1.04
CA MET A 111 -4.35 -1.75 0.08
C MET A 111 -5.36 -0.70 -0.32
N PHE A 112 -5.15 -0.06 -1.47
CA PHE A 112 -6.09 0.96 -1.94
C PHE A 112 -7.45 0.35 -2.24
N ASN A 113 -7.47 -0.76 -2.97
CA ASN A 113 -8.74 -1.37 -3.37
C ASN A 113 -9.56 -1.81 -2.15
N ASN A 114 -8.89 -2.32 -1.11
CA ASN A 114 -9.61 -2.71 0.10
C ASN A 114 -10.29 -1.51 0.75
N ALA A 115 -9.61 -0.37 0.79
CA ALA A 115 -10.18 0.81 1.45
C ALA A 115 -11.32 1.40 0.65
N TRP A 116 -11.19 1.46 -0.68
CA TRP A 116 -12.31 1.89 -1.52
C TRP A 116 -13.47 0.93 -1.43
N LEU A 117 -13.20 -0.37 -1.25
CA LEU A 117 -14.26 -1.36 -1.18
C LEU A 117 -15.03 -1.25 0.13
N TYR A 118 -14.31 -1.17 1.26
CA TYR A 118 -15.01 -1.19 2.54
C TYR A 118 -15.67 0.14 2.87
N ASN A 119 -14.97 1.24 2.65
CA ASN A 119 -15.45 2.55 3.07
C ASN A 119 -16.32 3.17 2.00
N ARG A 120 -17.30 3.96 2.45
CA ARG A 120 -18.19 4.64 1.52
C ARG A 120 -17.52 5.87 0.94
N LYS A 121 -17.95 6.26 -0.27
CA LYS A 121 -17.26 7.30 -1.02
C LYS A 121 -17.31 8.66 -0.32
N THR A 122 -18.21 8.86 0.63
CA THR A 122 -18.28 10.11 1.39
C THR A 122 -17.40 10.11 2.62
N SER A 123 -16.74 9.00 2.94
CA SER A 123 -16.06 8.85 4.22
C SER A 123 -14.67 9.47 4.18
N ARG A 124 -14.14 9.72 5.38
CA ARG A 124 -12.79 10.26 5.53
C ARG A 124 -11.75 9.32 4.94
N VAL A 125 -11.85 8.03 5.27
CA VAL A 125 -10.83 7.08 4.85
C VAL A 125 -10.86 6.86 3.34
N TYR A 126 -12.07 6.86 2.75
CA TYR A 126 -12.18 6.75 1.30
C TYR A 126 -11.49 7.93 0.61
N LYS A 127 -11.72 9.14 1.11
CA LYS A 127 -11.08 10.31 0.53
C LYS A 127 -9.58 10.30 0.78
N PHE A 128 -9.15 9.85 1.97
CA PHE A 128 -7.73 9.65 2.22
C PHE A 128 -7.12 8.69 1.21
N CYS A 129 -7.81 7.59 0.92
CA CYS A 129 -7.28 6.59 0.00
C CYS A 129 -7.09 7.18 -1.40
N SER A 130 -8.04 7.98 -1.87
CA SER A 130 -7.92 8.58 -3.18
C SER A 130 -6.73 9.53 -3.26
N LYS A 131 -6.44 10.23 -2.15
CA LYS A 131 -5.27 11.11 -2.14
C LYS A 131 -3.98 10.31 -2.20
N LEU A 132 -3.89 9.23 -1.42
CA LEU A 132 -2.70 8.38 -1.46
C LEU A 132 -2.54 7.74 -2.83
N ALA A 133 -3.64 7.32 -3.45
CA ALA A 133 -3.57 6.72 -4.78
C ALA A 133 -3.08 7.74 -5.80
N GLU A 134 -3.50 9.00 -5.66
CA GLU A 134 -3.00 10.05 -6.55
C GLU A 134 -1.50 10.25 -6.40
N VAL A 135 -1.00 10.20 -5.16
CA VAL A 135 0.43 10.35 -4.92
C VAL A 135 1.20 9.18 -5.51
N PHE A 136 0.72 7.96 -5.25
CA PHE A 136 1.43 6.77 -5.71
C PHE A 136 1.45 6.67 -7.22
N GLU A 137 0.34 7.02 -7.88
CA GLU A 137 0.27 6.96 -9.33
C GLU A 137 1.31 7.87 -9.98
N GLN A 138 1.60 9.00 -9.36
CA GLN A 138 2.61 9.92 -9.89
C GLN A 138 4.03 9.47 -9.59
N GLU A 139 4.22 8.67 -8.54
CA GLU A 139 5.56 8.25 -8.12
C GLU A 139 6.01 6.97 -8.84
N ILE A 140 5.10 6.03 -9.08
CA ILE A 140 5.50 4.68 -9.40
C ILE A 140 5.83 4.48 -10.88
N ASP A 141 5.26 5.30 -11.77
CA ASP A 141 5.42 5.04 -13.20
C ASP A 141 6.86 5.10 -13.67
N PRO A 142 7.64 6.16 -13.41
CA PRO A 142 9.04 6.13 -13.86
C PRO A 142 9.90 5.14 -13.10
N VAL A 143 9.56 4.83 -11.85
CA VAL A 143 10.33 3.87 -11.08
C VAL A 143 10.22 2.48 -11.70
N MET A 144 9.02 2.11 -12.15
CA MET A 144 8.83 0.79 -12.76
C MET A 144 9.57 0.68 -14.09
N GLN A 145 9.64 1.78 -14.85
CA GLN A 145 10.37 1.74 -16.12
C GLN A 145 11.87 1.57 -15.88
N SER A 146 12.41 2.20 -14.84
CA SER A 146 13.83 2.07 -14.56
C SER A 146 14.20 0.66 -14.13
N LEU A 147 13.27 -0.06 -13.52
CA LEU A 147 13.53 -1.41 -13.04
C LEU A 147 13.40 -2.47 -14.13
N GLY A 148 12.50 -2.28 -15.08
CA GLY A 148 12.28 -3.26 -16.13
C GLY A 148 11.56 -4.50 -15.65
S SO4 B . 6.36 10.28 11.12
O1 SO4 B . 7.52 9.93 10.29
O2 SO4 B . 5.29 10.81 10.26
O3 SO4 B . 6.74 11.31 12.09
O4 SO4 B . 5.88 9.10 11.83
S SO4 C . -21.32 3.50 7.73
O1 SO4 C . -20.08 3.01 7.13
O2 SO4 C . -22.47 2.86 7.06
O3 SO4 C . -21.40 4.94 7.56
O4 SO4 C . -21.34 3.15 9.14
S SO4 D . -16.51 9.65 8.15
O1 SO4 D . -15.28 8.87 8.07
O2 SO4 D . -17.66 8.75 8.25
O3 SO4 D . -16.65 10.47 6.94
O4 SO4 D . -16.46 10.52 9.32
C4 9UG E . -8.20 2.05 9.81
C5 9UG E . -9.49 2.29 9.37
C6 9UG E . -10.33 3.14 10.07
C7 9UG E . -9.87 3.77 11.21
C9 9UG E . -12.20 2.57 8.62
C10 9UG E . -11.43 1.25 8.41
C12 9UG E . -9.43 1.56 7.02
C3 9UG E . -7.74 2.69 10.95
C1 9UG E . -8.08 4.23 12.90
C15 9UG E . -7.55 1.81 5.51
C16 9UG E . -13.66 2.26 8.97
C2 9UG E . -8.57 3.54 11.65
N11 9UG E . -10.04 1.69 8.23
N14 9UG E . -8.17 1.97 6.82
O13 9UG E . -10.05 1.04 6.11
O8 9UG E . -11.61 3.38 9.65
#